data_4ZCK
#
_entry.id   4ZCK
#
_cell.length_a   83.562
_cell.length_b   83.562
_cell.length_c   191.841
_cell.angle_alpha   90.00
_cell.angle_beta   90.00
_cell.angle_gamma   90.00
#
_symmetry.space_group_name_H-M   'P 41 21 2'
#
loop_
_entity.id
_entity.type
_entity.pdbx_description
1 polymer 'GTP-binding protein TypA/BipA'
2 non-polymer 'MAGNESIUM ION'
3 water water
#
_entity_poly.entity_id   1
_entity_poly.type   'polypeptide(L)'
_entity_poly.pdbx_seq_one_letter_code
;MGSSHHHHHHSSGLVPRGSHMASMTGGQQMGRGSTVSMFFCVNTSPFCGKEGKFVTSRQILDRLNKELVHNVALRVEETE
DADAFRVSGRGELHLSVLIENMRREGFELAVSRPKVIFREIDGRKQEPYENVTLDVEEQHQGSVMQALGERKGDLKNMNP
DGKGRVRLDYVIPSRGLIGFRSEFMTMTSGTGLLYSTFSHYDDVRPGEVGQRQNGVLISNGQGKAVAFALFGLQDRGKLF
LGHGAEVYEGQIIGIHSRSNDLTVNCLTGKKLTNMRASGTDEAVVLVPPIRMTLEQALEFIDDDELVEVTPTSIRIRKRH
LTENDRRRANRA
;
_entity_poly.pdbx_strand_id   A
#
# COMPACT_ATOMS: atom_id res chain seq x y z
N GLY A 33 14.65 -2.93 -19.82
CA GLY A 33 13.55 -1.99 -19.67
C GLY A 33 12.66 -2.19 -18.44
N SER A 34 12.89 -1.39 -17.41
CA SER A 34 12.12 -1.46 -16.16
C SER A 34 11.40 -0.13 -15.89
N THR A 35 10.36 -0.15 -15.06
CA THR A 35 9.39 0.95 -15.07
C THR A 35 9.00 1.40 -13.66
N VAL A 36 9.15 0.52 -12.71
CA VAL A 36 8.87 0.84 -11.33
C VAL A 36 9.97 0.28 -10.43
N SER A 37 10.32 1.03 -9.39
CA SER A 37 11.31 0.53 -8.43
C SER A 37 10.87 0.81 -7.01
N MET A 38 11.25 -0.08 -6.12
CA MET A 38 11.11 0.12 -4.70
C MET A 38 12.29 -0.51 -3.94
N PHE A 39 12.35 -0.22 -2.65
CA PHE A 39 13.37 -0.78 -1.80
C PHE A 39 12.83 -1.98 -1.01
N PHE A 40 13.57 -3.10 -1.07
CA PHE A 40 13.29 -4.26 -0.21
C PHE A 40 14.28 -4.16 0.94
N CYS A 41 13.79 -4.18 2.19
CA CYS A 41 14.64 -3.98 3.38
C CYS A 41 14.48 -5.09 4.37
N VAL A 42 15.47 -5.30 5.23
CA VAL A 42 15.28 -6.21 6.36
C VAL A 42 14.20 -5.62 7.25
N ASN A 43 13.34 -6.48 7.76
CA ASN A 43 12.31 -6.03 8.68
C ASN A 43 12.88 -5.65 10.06
N THR A 44 12.90 -4.35 10.39
CA THR A 44 13.41 -3.91 11.70
C THR A 44 12.32 -3.56 12.72
N SER A 45 11.12 -4.06 12.49
CA SER A 45 10.02 -3.74 13.41
C SER A 45 10.24 -4.46 14.74
N PRO A 46 9.60 -3.98 15.83
CA PRO A 46 9.77 -4.75 17.08
C PRO A 46 9.26 -6.19 17.00
N PHE A 47 8.63 -6.55 15.88
CA PHE A 47 7.98 -7.86 15.75
C PHE A 47 8.76 -8.81 14.83
N CYS A 48 9.86 -8.34 14.22
CA CYS A 48 10.67 -9.13 13.28
C CYS A 48 10.94 -10.56 13.78
N GLY A 49 10.83 -11.53 12.88
CA GLY A 49 11.15 -12.91 13.19
C GLY A 49 10.08 -13.66 13.96
N LYS A 50 9.01 -12.96 14.33
CA LYS A 50 7.96 -13.60 15.10
C LYS A 50 6.97 -14.32 14.19
N GLU A 51 7.12 -14.14 12.88
CA GLU A 51 6.13 -14.69 11.96
C GLU A 51 6.75 -15.37 10.73
N GLY A 52 7.94 -14.95 10.33
CA GLY A 52 8.61 -15.57 9.19
C GLY A 52 10.03 -16.04 9.47
N LYS A 53 10.40 -17.20 8.93
CA LYS A 53 11.67 -17.87 9.23
C LYS A 53 12.89 -17.17 8.64
N PHE A 54 12.69 -16.48 7.52
CA PHE A 54 13.80 -15.93 6.73
C PHE A 54 13.88 -14.42 6.81
N VAL A 55 14.85 -13.90 7.56
CA VAL A 55 14.84 -12.47 7.84
C VAL A 55 16.17 -11.74 7.59
N THR A 56 17.24 -12.46 7.27
CA THR A 56 18.57 -11.83 7.16
C THR A 56 18.73 -10.96 5.92
N SER A 57 19.59 -9.95 6.05
CA SER A 57 20.08 -9.21 4.93
C SER A 57 20.63 -10.20 3.90
N ARG A 58 21.41 -11.15 4.39
CA ARG A 58 22.01 -12.14 3.52
C ARG A 58 20.96 -12.96 2.81
N GLN A 59 20.00 -13.47 3.56
CA GLN A 59 18.97 -14.33 3.00
C GLN A 59 18.12 -13.62 1.97
N ILE A 60 17.90 -12.33 2.17
CA ILE A 60 17.06 -11.58 1.23
C ILE A 60 17.85 -11.35 -0.04
N LEU A 61 19.10 -10.96 0.12
CA LEU A 61 19.93 -10.71 -1.03
C LEU A 61 20.07 -12.00 -1.85
N ASP A 62 20.34 -13.10 -1.16
CA ASP A 62 20.45 -14.40 -1.82
C ASP A 62 19.21 -14.73 -2.63
N ARG A 63 18.05 -14.40 -2.07
CA ARG A 63 16.77 -14.75 -2.70
C ARG A 63 16.47 -13.87 -3.92
N LEU A 64 16.83 -12.59 -3.84
CA LEU A 64 16.69 -11.70 -4.97
C LEU A 64 17.60 -12.14 -6.11
N ASN A 65 18.85 -12.40 -5.77
CA ASN A 65 19.84 -12.84 -6.75
C ASN A 65 19.37 -14.09 -7.47
N LYS A 66 18.77 -15.01 -6.72
CA LYS A 66 18.22 -16.23 -7.29
C LYS A 66 17.12 -15.89 -8.29
N GLU A 67 16.27 -14.93 -7.95
CA GLU A 67 15.16 -14.54 -8.83
C GLU A 67 15.67 -13.99 -10.16
N LEU A 68 16.80 -13.31 -10.12
CA LEU A 68 17.37 -12.70 -11.33
C LEU A 68 17.75 -13.73 -12.38
N VAL A 69 17.73 -15.02 -12.03
CA VAL A 69 18.19 -16.05 -12.96
C VAL A 69 17.11 -16.35 -14.00
N HIS A 70 15.85 -16.09 -13.67
CA HIS A 70 14.76 -16.36 -14.60
C HIS A 70 13.87 -15.13 -14.82
N ASN A 71 14.26 -14.00 -14.23
CA ASN A 71 13.55 -12.76 -14.45
C ASN A 71 14.43 -11.76 -15.19
N VAL A 72 14.31 -11.78 -16.52
CA VAL A 72 15.03 -10.87 -17.40
C VAL A 72 14.68 -9.42 -17.09
N ALA A 73 13.42 -9.22 -16.71
CA ALA A 73 12.88 -7.90 -16.47
C ALA A 73 13.50 -7.23 -15.24
N LEU A 74 13.93 -8.06 -14.29
CA LEU A 74 14.21 -7.62 -12.93
C LEU A 74 15.62 -7.05 -12.73
N ARG A 75 15.72 -5.97 -11.96
CA ARG A 75 17.02 -5.39 -11.64
C ARG A 75 17.13 -5.16 -10.13
N VAL A 76 18.27 -5.57 -9.56
CA VAL A 76 18.53 -5.47 -8.13
C VAL A 76 19.86 -4.78 -7.82
N GLU A 77 19.81 -3.58 -7.26
CA GLU A 77 21.01 -2.85 -6.89
C GLU A 77 21.25 -2.94 -5.39
N GLU A 78 22.50 -3.21 -5.01
CA GLU A 78 22.91 -3.06 -3.62
C GLU A 78 22.98 -1.57 -3.35
N THR A 79 22.82 -1.16 -2.09
CA THR A 79 22.80 0.28 -1.79
C THR A 79 23.85 0.62 -0.75
N GLU A 80 23.94 1.91 -0.41
CA GLU A 80 24.91 2.34 0.60
C GLU A 80 24.51 1.82 1.97
N ASP A 81 23.39 1.10 2.01
CA ASP A 81 22.90 0.43 3.21
C ASP A 81 22.89 -1.09 3.02
N ALA A 82 23.56 -1.81 3.91
CA ALA A 82 23.69 -3.25 3.83
C ALA A 82 22.37 -3.98 4.05
N ASP A 83 21.36 -3.28 4.57
CA ASP A 83 20.06 -3.88 4.86
C ASP A 83 19.01 -3.51 3.80
N ALA A 84 19.41 -2.74 2.79
CA ALA A 84 18.45 -2.25 1.82
C ALA A 84 18.90 -2.47 0.38
N PHE A 85 17.99 -3.01 -0.42
CA PHE A 85 18.24 -3.23 -1.84
C PHE A 85 17.16 -2.52 -2.68
N ARG A 86 17.60 -1.80 -3.71
CA ARG A 86 16.65 -1.18 -4.63
C ARG A 86 16.26 -2.18 -5.70
N VAL A 87 14.97 -2.51 -5.78
CA VAL A 87 14.51 -3.49 -6.75
C VAL A 87 13.66 -2.83 -7.82
N SER A 88 13.95 -3.14 -9.09
CA SER A 88 13.24 -2.58 -10.22
C SER A 88 12.66 -3.68 -11.10
N GLY A 89 11.37 -3.58 -11.39
CA GLY A 89 10.71 -4.54 -12.26
C GLY A 89 9.99 -3.94 -13.45
N ARG A 90 9.41 -4.79 -14.29
CA ARG A 90 8.63 -4.34 -15.45
C ARG A 90 7.53 -3.34 -15.06
N GLY A 91 6.94 -3.55 -13.90
CA GLY A 91 5.96 -2.64 -13.34
C GLY A 91 5.70 -3.04 -11.90
N GLU A 92 4.75 -2.38 -11.26
CA GLU A 92 4.39 -2.70 -9.88
C GLU A 92 3.89 -4.13 -9.71
N LEU A 93 3.01 -4.57 -10.60
CA LEU A 93 2.52 -5.94 -10.54
C LEU A 93 3.66 -6.96 -10.40
N HIS A 94 4.74 -6.77 -11.15
CA HIS A 94 5.82 -7.75 -11.14
C HIS A 94 6.56 -7.73 -9.82
N LEU A 95 6.76 -6.55 -9.26
CA LEU A 95 7.37 -6.43 -7.95
C LEU A 95 6.47 -7.08 -6.91
N SER A 96 5.18 -6.86 -7.04
CA SER A 96 4.25 -7.36 -6.04
C SER A 96 4.14 -8.87 -6.03
N VAL A 97 4.20 -9.53 -7.19
CA VAL A 97 4.10 -10.98 -7.13
C VAL A 97 5.36 -11.55 -6.51
N LEU A 98 6.48 -10.84 -6.64
CA LEU A 98 7.73 -11.31 -6.09
C LEU A 98 7.65 -11.22 -4.58
N ILE A 99 7.17 -10.08 -4.08
CA ILE A 99 6.98 -9.90 -2.65
C ILE A 99 6.02 -10.97 -2.17
N GLU A 100 4.99 -11.26 -2.96
CA GLU A 100 3.95 -12.16 -2.48
C GLU A 100 4.42 -13.61 -2.29
N ASN A 101 5.29 -14.12 -3.15
CA ASN A 101 5.71 -15.49 -2.90
C ASN A 101 7.05 -15.57 -2.17
N MET A 102 7.60 -14.43 -1.77
CA MET A 102 8.64 -14.43 -0.75
C MET A 102 7.96 -14.61 0.60
N ARG A 103 6.87 -13.87 0.79
CA ARG A 103 5.91 -14.11 1.87
C ARG A 103 5.61 -15.61 2.01
N ARG A 104 5.12 -16.21 0.93
CA ARG A 104 4.70 -17.61 0.97
C ARG A 104 5.85 -18.48 1.38
N GLU A 105 7.07 -18.04 1.06
CA GLU A 105 8.28 -18.82 1.26
C GLU A 105 8.82 -18.70 2.68
N GLY A 106 8.24 -17.81 3.46
CA GLY A 106 8.64 -17.69 4.86
C GLY A 106 9.46 -16.45 5.13
N PHE A 107 9.57 -15.57 4.14
CA PHE A 107 10.32 -14.32 4.30
C PHE A 107 9.53 -13.26 5.05
N GLU A 108 10.30 -12.48 5.79
CA GLU A 108 9.82 -11.27 6.45
C GLU A 108 10.62 -10.13 5.83
N LEU A 109 9.99 -9.02 5.51
CA LEU A 109 10.73 -7.89 4.94
C LEU A 109 9.92 -6.61 5.00
N ALA A 110 10.60 -5.47 4.85
CA ALA A 110 9.85 -4.24 4.66
C ALA A 110 10.15 -3.67 3.27
N VAL A 111 9.13 -3.04 2.69
CA VAL A 111 9.28 -2.42 1.40
C VAL A 111 8.82 -0.97 1.45
N SER A 112 9.45 -0.16 0.63
CA SER A 112 9.11 1.24 0.54
C SER A 112 8.04 1.34 -0.55
N ARG A 113 7.53 2.54 -0.83
CA ARG A 113 6.46 2.63 -1.81
C ARG A 113 6.98 2.50 -3.22
N PRO A 114 6.18 1.87 -4.10
CA PRO A 114 6.51 1.79 -5.52
C PRO A 114 6.56 3.19 -6.15
N LYS A 115 7.70 3.51 -6.75
CA LYS A 115 7.91 4.77 -7.44
C LYS A 115 8.03 4.50 -8.94
N VAL A 116 7.34 5.26 -9.78
CA VAL A 116 7.51 5.05 -11.20
C VAL A 116 8.87 5.60 -11.53
N ILE A 117 9.49 5.08 -12.58
CA ILE A 117 10.78 5.57 -13.03
C ILE A 117 10.53 6.57 -14.14
N PHE A 118 10.58 7.85 -13.80
CA PHE A 118 10.53 8.92 -14.78
C PHE A 118 11.74 8.83 -15.68
N ARG A 119 11.61 9.27 -16.92
CA ARG A 119 12.69 9.21 -17.86
C ARG A 119 12.67 10.49 -18.68
N GLU A 120 13.84 11.05 -18.96
CA GLU A 120 13.88 12.22 -19.80
C GLU A 120 13.93 11.76 -21.24
N ILE A 121 12.83 11.94 -21.95
CA ILE A 121 12.77 11.65 -23.38
C ILE A 121 12.68 12.98 -24.12
N ASP A 122 13.60 13.19 -25.07
CA ASP A 122 13.83 14.50 -25.65
C ASP A 122 14.27 15.44 -24.55
N GLY A 123 13.58 16.56 -24.40
CA GLY A 123 13.89 17.51 -23.35
C GLY A 123 12.92 17.38 -22.21
N ARG A 124 11.75 16.82 -22.50
CA ARG A 124 10.66 16.66 -21.55
C ARG A 124 10.81 15.40 -20.70
N LYS A 125 10.29 15.43 -19.48
CA LYS A 125 10.32 14.23 -18.66
C LYS A 125 8.97 13.55 -18.78
N GLN A 126 9.00 12.23 -18.90
CA GLN A 126 7.82 11.44 -19.18
C GLN A 126 7.68 10.33 -18.15
N GLU A 127 6.47 9.79 -18.01
CA GLU A 127 6.21 8.71 -17.07
C GLU A 127 5.54 7.54 -17.78
N PRO A 128 5.66 6.32 -17.21
CA PRO A 128 5.11 5.11 -17.84
C PRO A 128 3.59 5.07 -17.84
N TYR A 129 3.00 4.48 -18.88
CA TYR A 129 1.56 4.24 -18.95
C TYR A 129 1.27 2.79 -19.19
N GLU A 130 0.18 2.30 -18.62
CA GLU A 130 -0.20 0.92 -18.83
C GLU A 130 -1.47 0.83 -19.69
N ASN A 131 -1.60 -0.28 -20.42
CA ASN A 131 -2.87 -0.67 -21.01
C ASN A 131 -3.62 -1.56 -20.04
N VAL A 132 -4.77 -1.14 -19.53
CA VAL A 132 -5.61 -2.08 -18.82
C VAL A 132 -6.82 -2.48 -19.69
N THR A 133 -7.06 -3.78 -19.71
CA THR A 133 -8.21 -4.35 -20.32
C THR A 133 -9.06 -4.96 -19.22
N LEU A 134 -10.34 -4.63 -19.24
CA LEU A 134 -11.27 -5.16 -18.25
C LEU A 134 -12.40 -5.92 -18.91
N ASP A 135 -12.93 -6.90 -18.20
CA ASP A 135 -14.16 -7.52 -18.64
C ASP A 135 -15.07 -7.56 -17.43
N VAL A 136 -16.22 -6.88 -17.52
CA VAL A 136 -17.13 -6.79 -16.38
C VAL A 136 -18.59 -7.02 -16.75
N GLU A 137 -19.36 -7.51 -15.79
CA GLU A 137 -20.80 -7.49 -15.92
C GLU A 137 -21.25 -6.05 -16.07
N GLU A 138 -22.26 -5.81 -16.88
CA GLU A 138 -22.74 -4.46 -17.17
C GLU A 138 -23.15 -3.72 -15.88
N GLN A 139 -23.76 -4.46 -14.97
CA GLN A 139 -24.01 -4.00 -13.61
C GLN A 139 -22.86 -3.17 -12.97
N HIS A 140 -21.61 -3.52 -13.27
CA HIS A 140 -20.46 -2.84 -12.66
C HIS A 140 -19.83 -1.77 -13.52
N GLN A 141 -20.20 -1.75 -14.79
CA GLN A 141 -19.59 -0.87 -15.77
C GLN A 141 -19.50 0.61 -15.36
N GLY A 142 -20.59 1.17 -14.84
CA GLY A 142 -20.55 2.57 -14.43
C GLY A 142 -19.51 2.86 -13.36
N SER A 143 -19.47 2.01 -12.34
CA SER A 143 -18.57 2.18 -11.22
C SER A 143 -17.12 2.05 -11.63
N VAL A 144 -16.82 1.00 -12.38
CA VAL A 144 -15.48 0.75 -12.87
C VAL A 144 -14.95 1.91 -13.74
N MET A 145 -15.77 2.40 -14.66
CA MET A 145 -15.38 3.54 -15.47
C MET A 145 -15.12 4.79 -14.65
N GLN A 146 -16.00 5.02 -13.67
CA GLN A 146 -15.80 6.14 -12.78
C GLN A 146 -14.45 6.02 -12.08
N ALA A 147 -14.19 4.85 -11.52
CA ALA A 147 -12.96 4.62 -10.72
C ALA A 147 -11.72 4.83 -11.56
N LEU A 148 -11.71 4.31 -12.79
CA LEU A 148 -10.54 4.47 -13.66
C LEU A 148 -10.42 5.91 -14.10
N GLY A 149 -11.56 6.56 -14.23
CA GLY A 149 -11.59 7.97 -14.55
C GLY A 149 -10.82 8.70 -13.49
N GLU A 150 -11.20 8.45 -12.23
CA GLU A 150 -10.61 9.12 -11.07
C GLU A 150 -9.14 8.81 -10.88
N ARG A 151 -8.66 7.70 -11.43
CA ARG A 151 -7.25 7.39 -11.41
C ARG A 151 -6.53 7.86 -12.67
N LYS A 152 -7.10 8.87 -13.34
CA LYS A 152 -6.54 9.49 -14.54
C LYS A 152 -6.47 8.57 -15.77
N GLY A 153 -7.37 7.59 -15.85
CA GLY A 153 -7.37 6.65 -16.97
C GLY A 153 -8.20 7.14 -18.17
N ASP A 154 -7.83 6.68 -19.36
CA ASP A 154 -8.45 7.15 -20.60
C ASP A 154 -9.18 6.07 -21.38
N LEU A 155 -10.49 6.23 -21.55
CA LEU A 155 -11.25 5.22 -22.27
C LEU A 155 -10.77 5.11 -23.73
N LYS A 156 -10.35 3.90 -24.15
CA LYS A 156 -9.89 3.72 -25.55
C LYS A 156 -10.82 2.83 -26.35
N ASN A 157 -11.40 1.86 -25.67
CA ASN A 157 -12.22 0.86 -26.33
C ASN A 157 -13.34 0.43 -25.39
N MET A 158 -14.55 0.29 -25.94
CA MET A 158 -15.69 -0.26 -25.20
C MET A 158 -16.49 -1.17 -26.11
N ASN A 159 -16.67 -2.39 -25.63
CA ASN A 159 -17.13 -3.47 -26.50
C ASN A 159 -17.98 -4.47 -25.72
N PRO A 160 -19.30 -4.25 -25.73
CA PRO A 160 -20.22 -5.19 -25.08
C PRO A 160 -20.35 -6.48 -25.90
N ASP A 161 -20.39 -7.64 -25.25
CA ASP A 161 -20.98 -8.78 -25.93
C ASP A 161 -22.46 -8.56 -25.67
N GLY A 162 -23.33 -9.36 -26.25
CA GLY A 162 -24.74 -9.11 -26.00
C GLY A 162 -25.28 -9.97 -24.87
N LYS A 163 -24.38 -10.40 -24.00
CA LYS A 163 -24.71 -11.42 -23.02
C LYS A 163 -24.55 -10.91 -21.59
N GLY A 164 -24.42 -9.60 -21.44
CA GLY A 164 -24.38 -8.98 -20.12
C GLY A 164 -23.01 -8.59 -19.60
N ARG A 165 -21.96 -8.90 -20.35
CA ARG A 165 -20.65 -8.43 -19.96
C ARG A 165 -20.13 -7.41 -20.98
N VAL A 166 -19.08 -6.68 -20.62
CA VAL A 166 -18.57 -5.61 -21.48
C VAL A 166 -17.07 -5.49 -21.30
N ARG A 167 -16.37 -5.37 -22.43
CA ARG A 167 -14.94 -5.20 -22.42
C ARG A 167 -14.58 -3.73 -22.46
N LEU A 168 -13.72 -3.30 -21.56
CA LEU A 168 -13.20 -1.94 -21.56
C LEU A 168 -11.68 -1.98 -21.71
N ASP A 169 -11.13 -0.99 -22.38
CA ASP A 169 -9.70 -0.85 -22.51
C ASP A 169 -9.37 0.60 -22.15
N TYR A 170 -8.37 0.78 -21.29
CA TYR A 170 -7.95 2.10 -20.85
C TYR A 170 -6.46 2.25 -21.07
N VAL A 171 -6.02 3.49 -21.10
CA VAL A 171 -4.61 3.82 -21.05
C VAL A 171 -4.50 4.72 -19.82
N ILE A 172 -3.59 4.36 -18.92
CA ILE A 172 -3.55 5.01 -17.62
C ILE A 172 -2.13 5.10 -17.15
N PRO A 173 -1.77 6.22 -16.51
CA PRO A 173 -0.38 6.24 -16.01
C PRO A 173 -0.20 5.24 -14.89
N SER A 174 0.86 4.46 -14.98
CA SER A 174 1.30 3.55 -13.94
C SER A 174 1.08 4.06 -12.51
N ARG A 175 1.41 5.34 -12.31
CA ARG A 175 1.26 6.06 -11.04
C ARG A 175 -0.18 6.00 -10.49
N GLY A 176 -1.14 6.06 -11.40
CA GLY A 176 -2.54 6.08 -11.01
C GLY A 176 -3.17 4.71 -10.89
N LEU A 177 -2.58 3.75 -11.58
CA LEU A 177 -3.11 2.40 -11.59
C LEU A 177 -2.83 1.62 -10.29
N ILE A 178 -1.71 1.93 -9.63
CA ILE A 178 -1.32 1.19 -8.42
C ILE A 178 -2.46 1.20 -7.42
N GLY A 179 -2.95 0.00 -7.09
CA GLY A 179 -3.99 -0.17 -6.09
C GLY A 179 -5.30 -0.68 -6.70
N PHE A 180 -5.39 -0.62 -8.03
CA PHE A 180 -6.66 -0.88 -8.69
C PHE A 180 -7.07 -2.35 -8.75
N ARG A 181 -6.13 -3.27 -8.87
CA ARG A 181 -6.46 -4.68 -8.79
C ARG A 181 -7.43 -5.00 -7.63
N SER A 182 -7.12 -4.49 -6.44
CA SER A 182 -7.94 -4.76 -5.27
C SER A 182 -9.24 -4.00 -5.31
N GLU A 183 -9.19 -2.77 -5.80
CA GLU A 183 -10.40 -1.95 -5.92
C GLU A 183 -11.36 -2.68 -6.85
N PHE A 184 -10.83 -3.10 -7.97
CA PHE A 184 -11.59 -3.71 -9.06
C PHE A 184 -12.21 -5.00 -8.57
N MET A 185 -11.45 -5.79 -7.83
CA MET A 185 -11.95 -7.07 -7.37
C MET A 185 -13.09 -6.85 -6.38
N THR A 186 -12.90 -5.92 -5.46
CA THR A 186 -13.95 -5.62 -4.49
C THR A 186 -15.22 -5.07 -5.16
N MET A 187 -15.07 -4.13 -6.11
CA MET A 187 -16.24 -3.40 -6.64
C MET A 187 -16.99 -4.24 -7.65
N THR A 188 -16.39 -5.35 -7.99
CA THR A 188 -16.90 -6.21 -9.02
C THR A 188 -17.34 -7.53 -8.36
N SER A 189 -17.10 -7.61 -7.04
CA SER A 189 -17.48 -8.76 -6.21
C SER A 189 -16.85 -10.02 -6.77
N GLY A 190 -15.60 -9.88 -7.23
CA GLY A 190 -14.85 -10.99 -7.77
C GLY A 190 -15.22 -11.51 -9.14
N THR A 191 -16.20 -10.90 -9.80
CA THR A 191 -16.64 -11.39 -11.12
C THR A 191 -15.91 -10.75 -12.29
N GLY A 192 -15.13 -9.70 -12.04
CA GLY A 192 -14.47 -8.97 -13.11
C GLY A 192 -13.13 -9.56 -13.52
N LEU A 193 -12.68 -9.25 -14.72
CA LEU A 193 -11.39 -9.67 -15.24
C LEU A 193 -10.56 -8.48 -15.62
N LEU A 194 -9.28 -8.55 -15.30
CA LEU A 194 -8.40 -7.41 -15.36
C LEU A 194 -7.05 -7.84 -15.90
N TYR A 195 -6.54 -7.10 -16.86
CA TYR A 195 -5.24 -7.40 -17.40
C TYR A 195 -4.57 -6.09 -17.72
N SER A 196 -3.34 -5.95 -17.28
CA SER A 196 -2.65 -4.69 -17.44
C SER A 196 -1.26 -5.00 -17.89
N THR A 197 -0.65 -4.07 -18.62
CA THR A 197 0.69 -4.29 -19.14
C THR A 197 1.25 -2.96 -19.62
N PHE A 198 2.58 -2.83 -19.56
CA PHE A 198 3.22 -1.58 -19.93
C PHE A 198 2.91 -1.23 -21.35
N SER A 199 2.46 0.00 -21.57
CA SER A 199 2.26 0.51 -22.94
C SER A 199 3.44 1.34 -23.41
N HIS A 200 3.64 2.50 -22.78
CA HIS A 200 4.61 3.47 -23.31
C HIS A 200 4.85 4.62 -22.32
N TYR A 201 5.87 5.43 -22.61
CA TYR A 201 6.13 6.65 -21.86
C TYR A 201 5.46 7.84 -22.53
N ASP A 202 4.84 8.70 -21.73
CA ASP A 202 4.34 9.97 -22.27
C ASP A 202 4.47 11.06 -21.22
N ASP A 203 4.39 12.31 -21.66
CA ASP A 203 4.45 13.49 -20.81
C ASP A 203 3.73 13.29 -19.48
N VAL A 204 4.30 13.83 -18.42
CA VAL A 204 3.80 13.57 -17.07
C VAL A 204 2.46 14.22 -16.78
N ARG A 205 1.53 13.44 -16.25
CA ARG A 205 0.31 14.00 -15.68
C ARG A 205 0.72 14.93 -14.57
N PRO A 206 -0.08 15.98 -14.31
CA PRO A 206 0.22 16.85 -13.19
C PRO A 206 -0.42 16.39 -11.88
N GLY A 207 0.32 16.51 -10.77
CA GLY A 207 -0.30 16.41 -9.47
C GLY A 207 -0.01 15.19 -8.63
N GLU A 208 -0.74 15.09 -7.53
CA GLU A 208 -0.54 14.06 -6.54
C GLU A 208 -1.28 12.78 -6.94
N VAL A 209 -0.95 12.25 -8.12
CA VAL A 209 -1.55 11.02 -8.59
C VAL A 209 -1.14 9.79 -7.76
N GLY A 210 -2.10 9.11 -7.15
CA GLY A 210 -1.80 7.90 -6.41
C GLY A 210 -1.33 8.19 -5.00
N GLN A 211 -1.39 9.47 -4.63
CA GLN A 211 -0.84 9.97 -3.38
C GLN A 211 -1.92 10.24 -2.36
N ARG A 212 -1.90 9.47 -1.28
CA ARG A 212 -2.78 9.67 -0.14
C ARG A 212 -2.93 11.15 0.24
N GLN A 213 -4.15 11.57 0.55
CA GLN A 213 -4.39 12.96 0.89
C GLN A 213 -4.38 13.16 2.39
N ASN A 214 -4.87 12.14 3.10
CA ASN A 214 -5.02 12.19 4.55
C ASN A 214 -3.74 11.95 5.36
N GLY A 215 -3.87 12.11 6.66
CA GLY A 215 -2.83 11.73 7.59
C GLY A 215 -3.09 10.33 8.15
N VAL A 216 -2.15 9.85 8.94
CA VAL A 216 -2.35 8.56 9.58
C VAL A 216 -2.43 8.68 11.10
N LEU A 217 -3.10 7.72 11.71
CA LEU A 217 -3.06 7.54 13.16
C LEU A 217 -1.89 6.60 13.53
N ILE A 218 -0.95 7.10 14.33
CA ILE A 218 0.22 6.31 14.73
C ILE A 218 0.18 5.90 16.19
N SER A 219 0.52 4.66 16.46
CA SER A 219 0.50 4.17 17.84
C SER A 219 1.68 4.71 18.62
N ASN A 220 1.41 5.16 19.86
CA ASN A 220 2.47 5.72 20.72
C ASN A 220 3.14 4.66 21.61
N GLY A 221 2.63 3.44 21.58
CA GLY A 221 3.22 2.40 22.40
C GLY A 221 3.05 0.99 21.88
N GLN A 222 3.70 0.07 22.58
CA GLN A 222 3.62 -1.34 22.31
C GLN A 222 2.70 -2.10 23.28
N GLY A 223 1.82 -2.93 22.74
CA GLY A 223 0.83 -3.65 23.52
C GLY A 223 -0.39 -4.14 22.72
N LYS A 224 -1.43 -4.56 23.43
CA LYS A 224 -2.67 -5.04 22.85
C LYS A 224 -3.64 -3.86 22.68
N ALA A 225 -4.05 -3.57 21.45
CA ALA A 225 -5.12 -2.58 21.23
C ALA A 225 -6.39 -2.98 21.94
N VAL A 226 -7.03 -2.03 22.63
CA VAL A 226 -8.32 -2.33 23.28
C VAL A 226 -9.46 -1.47 22.75
N ALA A 227 -10.65 -2.06 22.76
CA ALA A 227 -11.85 -1.46 22.17
C ALA A 227 -12.17 -0.11 22.79
N PHE A 228 -11.83 0.06 24.06
CA PHE A 228 -12.16 1.28 24.78
C PHE A 228 -11.34 2.47 24.29
N ALA A 229 -10.26 2.18 23.59
CA ALA A 229 -9.45 3.25 23.03
C ALA A 229 -9.85 3.39 21.59
N LEU A 230 -10.01 2.26 20.90
CA LEU A 230 -10.41 2.25 19.50
C LEU A 230 -11.75 2.99 19.28
N PHE A 231 -12.64 2.86 20.26
CA PHE A 231 -13.95 3.47 20.23
C PHE A 231 -13.86 4.98 20.08
N GLY A 232 -12.93 5.57 20.83
CA GLY A 232 -12.68 7.00 20.72
C GLY A 232 -11.98 7.32 19.42
N LEU A 233 -10.92 6.57 19.12
CA LEU A 233 -10.15 6.78 17.91
C LEU A 233 -10.96 6.68 16.61
N GLN A 234 -11.97 5.82 16.57
CA GLN A 234 -12.66 5.63 15.29
C GLN A 234 -13.51 6.84 14.94
N ASP A 235 -13.75 7.71 15.93
CA ASP A 235 -14.26 9.05 15.64
C ASP A 235 -13.28 9.90 14.80
N ARG A 236 -12.00 9.54 14.83
CA ARG A 236 -10.94 10.37 14.25
C ARG A 236 -10.59 9.98 12.83
N GLY A 237 -11.13 8.86 12.37
CA GLY A 237 -10.85 8.37 11.04
C GLY A 237 -11.26 6.92 10.92
N LYS A 238 -10.51 6.15 10.14
CA LYS A 238 -10.85 4.76 9.94
C LYS A 238 -9.72 3.86 10.38
N LEU A 239 -10.09 2.89 11.21
CA LEU A 239 -9.09 2.04 11.83
C LEU A 239 -8.71 0.86 10.95
N PHE A 240 -7.47 0.38 11.12
CA PHE A 240 -6.93 -0.77 10.38
C PHE A 240 -6.92 -2.03 11.24
N LEU A 241 -7.33 -1.89 12.49
CA LEU A 241 -7.32 -3.02 13.40
C LEU A 241 -8.45 -2.97 14.40
N GLY A 242 -8.59 -4.03 15.17
CA GLY A 242 -9.64 -4.10 16.16
C GLY A 242 -9.11 -4.55 17.50
N HIS A 243 -10.06 -4.80 18.39
CA HIS A 243 -9.81 -5.28 19.74
C HIS A 243 -8.86 -6.46 19.74
N GLY A 244 -7.78 -6.39 20.52
CA GLY A 244 -6.87 -7.52 20.63
C GLY A 244 -5.71 -7.52 19.64
N ALA A 245 -5.66 -6.54 18.75
CA ALA A 245 -4.54 -6.49 17.81
C ALA A 245 -3.26 -6.14 18.56
N GLU A 246 -2.19 -6.87 18.29
CA GLU A 246 -0.92 -6.55 18.92
C GLU A 246 -0.24 -5.47 18.12
N VAL A 247 0.24 -4.46 18.81
CA VAL A 247 0.67 -3.24 18.17
C VAL A 247 2.02 -2.73 18.71
N TYR A 248 2.83 -2.10 17.88
CA TYR A 248 4.01 -1.40 18.39
C TYR A 248 4.02 0.10 18.11
N GLU A 249 5.06 0.74 18.61
CA GLU A 249 5.23 2.17 18.55
C GLU A 249 5.76 2.54 17.17
N GLY A 250 4.99 3.35 16.44
CA GLY A 250 5.35 3.72 15.08
C GLY A 250 4.48 3.00 14.08
N GLN A 251 3.71 2.04 14.56
CA GLN A 251 2.86 1.31 13.64
C GLN A 251 1.72 2.23 13.28
N ILE A 252 1.34 2.22 12.01
CA ILE A 252 0.20 3.00 11.57
C ILE A 252 -1.03 2.11 11.74
N ILE A 253 -2.02 2.63 12.45
CA ILE A 253 -3.18 1.84 12.85
C ILE A 253 -4.48 2.36 12.29
N GLY A 254 -4.41 3.49 11.57
CA GLY A 254 -5.58 3.99 10.88
C GLY A 254 -5.32 5.20 10.01
N ILE A 255 -6.41 5.70 9.41
CA ILE A 255 -6.38 6.85 8.53
C ILE A 255 -6.98 8.01 9.26
N HIS A 256 -6.29 9.14 9.30
CA HIS A 256 -6.83 10.32 9.96
C HIS A 256 -7.78 11.04 8.99
N SER A 257 -8.88 11.60 9.49
CA SER A 257 -9.81 12.32 8.64
C SER A 257 -9.22 13.67 8.19
N ARG A 258 -8.28 14.20 8.95
CA ARG A 258 -7.56 15.41 8.55
C ARG A 258 -6.23 15.06 7.88
N SER A 259 -5.54 16.04 7.32
CA SER A 259 -4.36 15.77 6.49
C SER A 259 -3.08 15.49 7.28
N ASN A 260 -3.06 15.92 8.54
CA ASN A 260 -1.91 15.82 9.45
C ASN A 260 -1.86 14.48 10.18
N ASP A 261 -0.67 14.10 10.67
CA ASP A 261 -0.50 12.82 11.40
C ASP A 261 -0.81 12.93 12.90
N LEU A 262 -1.40 11.89 13.45
CA LEU A 262 -1.74 11.89 14.87
C LEU A 262 -1.07 10.74 15.60
N THR A 263 -0.30 11.05 16.65
CA THR A 263 0.25 10.01 17.49
C THR A 263 -0.74 9.73 18.59
N VAL A 264 -1.32 8.53 18.60
CA VAL A 264 -2.44 8.23 19.49
C VAL A 264 -2.21 7.03 20.42
N ASN A 265 -3.09 6.93 21.41
CA ASN A 265 -3.02 5.85 22.36
C ASN A 265 -4.15 4.85 22.13
N CYS A 266 -3.79 3.63 21.77
CA CYS A 266 -4.83 2.63 21.53
C CYS A 266 -4.73 1.49 22.55
N LEU A 267 -3.97 1.73 23.63
CA LEU A 267 -3.81 0.72 24.67
C LEU A 267 -4.73 0.95 25.88
N THR A 268 -5.06 2.21 26.16
CA THR A 268 -6.09 2.51 27.17
C THR A 268 -6.96 3.70 26.73
N GLY A 269 -8.21 3.70 27.18
CA GLY A 269 -9.19 4.67 26.71
C GLY A 269 -9.46 5.89 27.56
N LYS A 270 -10.02 6.88 26.91
CA LYS A 270 -10.31 8.15 27.55
C LYS A 270 -11.69 8.69 27.14
N LYS A 271 -12.28 8.12 26.09
CA LYS A 271 -13.53 8.66 25.56
C LYS A 271 -14.72 8.43 26.49
N LEU A 272 -14.83 7.21 27.02
CA LEU A 272 -15.93 6.89 27.91
C LEU A 272 -15.76 7.59 29.25
N THR A 273 -14.51 7.72 29.69
CA THR A 273 -14.16 8.51 30.88
C THR A 273 -14.74 9.92 30.76
N ASN A 274 -14.67 10.48 29.54
CA ASN A 274 -15.24 11.79 29.23
C ASN A 274 -16.76 11.77 29.09
N MET A 275 -17.28 10.67 28.52
CA MET A 275 -18.72 10.51 28.29
C MET A 275 -19.50 10.60 29.60
N ARG A 276 -19.11 9.79 30.59
CA ARG A 276 -19.73 9.78 31.92
C ARG A 276 -19.75 11.17 32.56
N ALA A 277 -18.93 12.08 32.02
CA ALA A 277 -18.81 13.41 32.58
C ALA A 277 -19.79 14.41 31.92
N SER A 278 -21.01 13.97 31.67
CA SER A 278 -22.05 14.87 31.16
C SER A 278 -23.46 14.30 31.38
N THR A 280 -24.42 11.01 30.25
CA THR A 280 -24.45 10.30 28.98
C THR A 280 -23.47 9.13 28.94
N ASP A 281 -23.86 8.08 28.23
CA ASP A 281 -23.00 6.91 28.00
C ASP A 281 -23.60 6.04 26.92
N GLU A 282 -22.77 5.52 26.02
CA GLU A 282 -23.25 4.62 24.99
C GLU A 282 -22.48 3.31 25.02
N ALA A 283 -22.93 2.36 24.22
CA ALA A 283 -22.35 1.03 24.23
C ALA A 283 -21.21 1.00 23.27
N VAL A 284 -20.17 0.25 23.63
CA VAL A 284 -18.98 0.21 22.84
C VAL A 284 -19.21 -0.67 21.64
N VAL A 285 -19.25 -0.05 20.47
CA VAL A 285 -19.47 -0.72 19.20
C VAL A 285 -18.46 -0.21 18.20
N LEU A 286 -17.68 -1.12 17.62
CA LEU A 286 -16.60 -0.73 16.74
C LEU A 286 -16.92 -1.02 15.28
N VAL A 287 -16.74 -0.03 14.43
CA VAL A 287 -16.78 -0.22 12.99
C VAL A 287 -15.73 -1.22 12.56
N PRO A 288 -16.09 -2.15 11.66
CA PRO A 288 -15.08 -3.11 11.18
C PRO A 288 -13.88 -2.42 10.54
N PRO A 289 -12.70 -2.89 10.87
CA PRO A 289 -11.45 -2.30 10.40
C PRO A 289 -11.31 -2.47 8.89
N ILE A 290 -10.70 -1.49 8.22
CA ILE A 290 -10.20 -1.69 6.86
C ILE A 290 -9.17 -2.81 6.85
N ARG A 291 -9.36 -3.86 6.06
CA ARG A 291 -8.30 -4.85 5.89
C ARG A 291 -7.65 -4.60 4.54
N MET A 292 -6.33 -4.48 4.51
CA MET A 292 -5.69 -4.05 3.30
C MET A 292 -4.86 -5.16 2.69
N THR A 293 -4.96 -5.30 1.39
CA THR A 293 -4.09 -6.18 0.66
C THR A 293 -2.72 -5.51 0.54
N LEU A 294 -1.69 -6.31 0.30
CA LEU A 294 -0.38 -5.76 -0.06
C LEU A 294 -0.45 -4.63 -1.09
N GLU A 295 -1.11 -4.88 -2.22
CA GLU A 295 -1.23 -3.86 -3.26
C GLU A 295 -1.84 -2.58 -2.70
N GLN A 296 -2.86 -2.70 -1.87
CA GLN A 296 -3.42 -1.51 -1.25
C GLN A 296 -2.48 -0.85 -0.27
N ALA A 297 -1.72 -1.64 0.51
CA ALA A 297 -0.79 -1.06 1.49
C ALA A 297 0.24 -0.23 0.75
N LEU A 298 0.72 -0.76 -0.38
CA LEU A 298 1.63 -0.07 -1.29
C LEU A 298 1.08 1.22 -1.91
N GLU A 299 -0.23 1.26 -2.13
CA GLU A 299 -0.84 2.44 -2.72
C GLU A 299 -0.90 3.52 -1.65
N PHE A 300 -1.08 3.06 -0.43
CA PHE A 300 -1.39 3.95 0.68
C PHE A 300 -0.18 4.72 1.20
N ILE A 301 0.98 4.07 1.36
CA ILE A 301 2.08 4.67 2.11
C ILE A 301 2.81 5.83 1.41
N ASP A 302 3.33 6.76 2.21
CA ASP A 302 4.12 7.89 1.66
C ASP A 302 5.62 7.59 1.78
N ASP A 303 6.45 8.55 1.40
CA ASP A 303 7.92 8.38 1.41
C ASP A 303 8.51 8.07 2.79
N ASP A 304 7.80 8.47 3.85
CA ASP A 304 8.31 8.29 5.21
C ASP A 304 7.74 7.05 5.90
N GLU A 305 7.18 6.12 5.11
CA GLU A 305 6.60 4.91 5.70
C GLU A 305 7.10 3.64 5.01
N LEU A 306 6.69 2.51 5.57
CA LEU A 306 7.11 1.20 5.06
C LEU A 306 5.95 0.25 5.17
N VAL A 307 5.97 -0.78 4.33
CA VAL A 307 5.03 -1.88 4.54
C VAL A 307 5.80 -3.02 5.14
N GLU A 308 5.36 -3.44 6.31
CA GLU A 308 5.97 -4.58 6.94
C GLU A 308 5.22 -5.81 6.46
N VAL A 309 5.98 -6.75 5.93
CA VAL A 309 5.42 -7.88 5.24
C VAL A 309 5.95 -9.21 5.83
N THR A 310 5.05 -10.05 6.32
CA THR A 310 5.40 -11.39 6.81
C THR A 310 4.52 -12.45 6.14
N PRO A 311 4.81 -13.74 6.36
CA PRO A 311 3.96 -14.71 5.68
C PRO A 311 2.48 -14.69 6.09
N THR A 312 2.14 -14.08 7.22
CA THR A 312 0.77 -14.12 7.72
C THR A 312 0.18 -12.76 8.03
N SER A 313 0.92 -11.71 7.73
CA SER A 313 0.52 -10.39 8.17
C SER A 313 1.14 -9.33 7.28
N ILE A 314 0.44 -8.22 7.21
CA ILE A 314 0.85 -7.02 6.51
C ILE A 314 0.62 -5.93 7.52
N ARG A 315 1.64 -5.08 7.72
CA ARG A 315 1.50 -3.94 8.64
C ARG A 315 2.08 -2.72 7.99
N ILE A 316 1.70 -1.58 8.52
CA ILE A 316 2.23 -0.32 7.99
C ILE A 316 2.88 0.43 9.14
N ARG A 317 3.98 1.10 8.87
CA ARG A 317 4.70 1.80 9.93
C ARG A 317 5.34 3.02 9.37
N LYS A 318 5.56 4.01 10.24
CA LYS A 318 6.47 5.10 9.94
C LYS A 318 7.92 4.57 9.89
N ARG A 319 8.79 5.21 9.12
CA ARG A 319 10.19 4.78 9.07
C ARG A 319 10.80 5.01 10.44
N HIS A 320 10.58 6.21 10.96
CA HIS A 320 10.95 6.58 12.31
C HIS A 320 9.86 6.23 13.34
N LEU A 321 10.10 5.16 14.10
CA LEU A 321 9.08 4.58 14.97
C LEU A 321 8.59 5.47 16.11
N THR A 322 9.43 6.34 16.67
CA THR A 322 8.96 7.17 17.78
C THR A 322 8.55 8.55 17.36
N GLU A 323 7.68 9.16 18.15
CA GLU A 323 7.31 10.52 17.85
C GLU A 323 8.53 11.41 17.97
N ASN A 324 9.38 11.18 18.96
CA ASN A 324 10.58 12.00 19.12
C ASN A 324 11.44 12.02 17.87
N ASP A 325 11.70 10.85 17.29
CA ASP A 325 12.48 10.80 16.04
C ASP A 325 11.83 11.60 14.92
N ARG A 326 10.54 11.35 14.64
CA ARG A 326 9.85 12.04 13.56
C ARG A 326 9.97 13.55 13.75
N ARG A 327 9.73 14.04 14.96
CA ARG A 327 9.88 15.47 15.21
C ARG A 327 11.27 15.96 14.80
N ARG A 328 12.31 15.19 15.13
CA ARG A 328 13.67 15.63 14.84
C ARG A 328 13.88 15.74 13.34
N ALA A 329 13.45 14.72 12.60
CA ALA A 329 13.56 14.71 11.14
C ALA A 329 13.01 15.98 10.47
N ASN A 330 11.77 16.34 10.75
CA ASN A 330 11.16 17.54 10.15
C ASN A 330 11.83 18.86 10.54
N ARG A 331 12.57 18.85 11.65
CA ARG A 331 13.29 20.04 12.09
C ARG A 331 14.68 20.08 11.44
N ALA A 332 14.90 21.06 10.56
CA ALA A 332 16.17 21.30 9.84
C ALA A 332 16.88 20.01 9.40
#